data_4YPD
#
_entry.id   4YPD
#
_cell.length_a   46.853
_cell.length_b   62.511
_cell.length_c   88.193
_cell.angle_alpha   90.000
_cell.angle_beta   90.000
_cell.angle_gamma   90.000
#
_symmetry.space_group_name_H-M   'P 21 21 21'
#
loop_
_entity.id
_entity.type
_entity.pdbx_description
1 polymer 'Death-associated protein kinase 1'
2 non-polymer 'CHLORIDE ION'
3 non-polymer 'SULFATE ION'
4 non-polymer 4-methylpyridazine
5 water water
#
_entity_poly.entity_id   1
_entity_poly.type   'polypeptide(L)'
_entity_poly.pdbx_seq_one_letter_code
;TVFRQENVDDYYDTGEELGSGQFAVVKKCREKSTGLQYAAKFIKKRRTKSSRRGVSREDIEREVSILKEIQHPNVITLHE
VYENKTDVILILELVAGGELFDFLAEKESLTEEEATEFLKQILNGVYYLHSLQIAHFDLKPENIMLLDRNVPKPRIKIID
FGLAHKIDFGNEFKNIFGTPEFVAPEIVNYEPLGLEADMWSIGVITYILLSGASPFLGDTKQETLANVSAVNYEFEDEYF
SNTSALAKDFIRRLLVKDPKKRMTIQDSLQHPWIKPKDTQQALSSAWSHPQFEK
;
_entity_poly.pdbx_strand_id   A
#
# COMPACT_ATOMS: atom_id res chain seq x y z
N THR A 1 11.80 -8.45 20.00
CA THR A 1 10.45 -8.53 20.65
C THR A 1 9.79 -9.86 20.37
N VAL A 2 9.19 -10.43 21.40
CA VAL A 2 8.59 -11.75 21.39
C VAL A 2 7.08 -11.65 21.19
N PHE A 3 6.51 -12.58 20.44
CA PHE A 3 5.06 -12.60 20.21
C PHE A 3 4.42 -13.80 20.88
N ARG A 4 3.10 -13.94 20.82
CA ARG A 4 2.39 -15.04 21.50
C ARG A 4 2.75 -16.34 20.87
N GLN A 5 3.21 -17.30 21.68
CA GLN A 5 3.66 -18.56 21.15
C GLN A 5 2.68 -19.76 21.28
N GLU A 6 1.49 -19.49 21.81
N GLU A 6 1.49 -19.50 21.79
CA GLU A 6 0.44 -20.50 21.80
CA GLU A 6 0.45 -20.52 21.78
C GLU A 6 0.02 -20.75 20.34
C GLU A 6 0.01 -20.74 20.34
N ASN A 7 -0.51 -21.94 20.06
CA ASN A 7 -0.95 -22.28 18.72
C ASN A 7 -2.15 -21.39 18.33
N VAL A 8 -2.05 -20.70 17.21
N VAL A 8 -2.04 -20.69 17.20
CA VAL A 8 -3.10 -19.78 16.81
CA VAL A 8 -3.10 -19.82 16.69
C VAL A 8 -4.41 -20.56 16.58
C VAL A 8 -4.41 -20.58 16.61
N ASP A 9 -4.31 -21.83 16.20
CA ASP A 9 -5.49 -22.68 16.02
C ASP A 9 -6.27 -22.96 17.30
N ASP A 10 -5.65 -22.77 18.45
CA ASP A 10 -6.37 -22.91 19.70
C ASP A 10 -7.30 -21.72 19.97
N TYR A 11 -7.07 -20.60 19.28
CA TYR A 11 -7.79 -19.37 19.54
C TYR A 11 -8.60 -18.89 18.35
N TYR A 12 -8.27 -19.37 17.15
CA TYR A 12 -8.93 -18.96 15.92
C TYR A 12 -9.22 -20.13 14.99
N ASP A 13 -10.28 -20.00 14.21
CA ASP A 13 -10.57 -20.89 13.10
C ASP A 13 -10.33 -20.11 11.82
N THR A 14 -9.73 -20.72 10.81
CA THR A 14 -9.48 -20.03 9.56
C THR A 14 -10.43 -20.50 8.45
N GLY A 15 -10.56 -19.68 7.42
CA GLY A 15 -11.42 -19.99 6.31
C GLY A 15 -10.77 -19.66 4.99
N GLU A 16 -11.51 -18.89 4.20
CA GLU A 16 -11.12 -18.48 2.87
C GLU A 16 -9.80 -17.75 2.85
N GLU A 17 -9.01 -17.99 1.82
CA GLU A 17 -7.79 -17.27 1.66
C GLU A 17 -8.11 -15.94 0.97
N LEU A 18 -7.51 -14.85 1.45
CA LEU A 18 -7.82 -13.51 0.93
C LEU A 18 -6.69 -12.93 0.10
N GLY A 19 -5.47 -13.34 0.40
CA GLY A 19 -4.30 -12.89 -0.33
C GLY A 19 -3.19 -13.90 -0.20
N SER A 20 -2.33 -13.94 -1.21
CA SER A 20 -1.20 -14.87 -1.28
C SER A 20 -0.08 -14.12 -1.98
N GLY A 21 1.05 -13.94 -1.30
CA GLY A 21 2.18 -13.20 -1.86
C GLY A 21 3.44 -14.04 -1.85
N GLN A 22 4.58 -13.37 -1.99
N GLN A 22 4.58 -13.38 -2.03
CA GLN A 22 5.88 -14.06 -2.01
CA GLN A 22 5.86 -14.08 -2.09
C GLN A 22 6.10 -14.87 -0.72
C GLN A 22 6.39 -14.49 -0.71
N PHE A 23 6.09 -14.19 0.42
N PHE A 23 5.95 -13.81 0.34
CA PHE A 23 6.27 -14.89 1.70
CA PHE A 23 6.42 -14.16 1.68
C PHE A 23 5.23 -14.46 2.72
C PHE A 23 5.29 -14.41 2.67
N ALA A 24 3.98 -14.32 2.26
N ALA A 24 4.07 -14.03 2.27
CA ALA A 24 2.84 -13.96 3.12
CA ALA A 24 2.92 -14.14 3.17
C ALA A 24 1.52 -14.42 2.51
C ALA A 24 1.67 -14.70 2.48
N VAL A 25 0.74 -15.11 3.33
CA VAL A 25 -0.57 -15.58 2.90
C VAL A 25 -1.54 -15.04 3.94
N VAL A 26 -2.72 -14.61 3.48
CA VAL A 26 -3.72 -14.05 4.36
C VAL A 26 -4.96 -14.92 4.32
N LYS A 27 -5.44 -15.32 5.49
CA LYS A 27 -6.64 -16.14 5.63
C LYS A 27 -7.67 -15.46 6.49
N LYS A 28 -8.92 -15.50 6.07
CA LYS A 28 -9.98 -14.99 6.92
CA LYS A 28 -10.00 -15.01 6.91
C LYS A 28 -10.01 -15.90 8.14
N CYS A 29 -10.30 -15.33 9.30
CA CYS A 29 -10.37 -16.11 10.50
C CYS A 29 -11.42 -15.57 11.44
N ARG A 30 -11.72 -16.36 12.46
CA ARG A 30 -12.72 -16.03 13.46
C ARG A 30 -12.16 -16.38 14.83
N GLU A 31 -12.19 -15.41 15.75
CA GLU A 31 -11.70 -15.61 17.11
C GLU A 31 -12.74 -16.41 17.88
N LYS A 32 -12.31 -17.53 18.44
CA LYS A 32 -13.25 -18.40 19.14
C LYS A 32 -13.94 -17.74 20.32
N SER A 33 -13.21 -16.91 21.06
CA SER A 33 -13.75 -16.32 22.29
C SER A 33 -14.77 -15.20 22.08
N THR A 34 -14.78 -14.60 20.89
CA THR A 34 -15.67 -13.46 20.65
C THR A 34 -16.56 -13.59 19.44
N GLY A 35 -16.24 -14.53 18.57
CA GLY A 35 -16.93 -14.66 17.31
C GLY A 35 -16.57 -13.57 16.28
N LEU A 36 -15.66 -12.66 16.64
CA LEU A 36 -15.27 -11.59 15.71
C LEU A 36 -14.33 -12.12 14.66
N GLN A 37 -14.45 -11.54 13.47
CA GLN A 37 -13.69 -11.96 12.33
C GLN A 37 -12.56 -11.02 12.02
N TYR A 38 -11.46 -11.61 11.55
CA TYR A 38 -10.23 -10.90 11.26
C TYR A 38 -9.58 -11.48 10.00
N ALA A 39 -8.46 -10.89 9.60
CA ALA A 39 -7.62 -11.42 8.53
C ALA A 39 -6.29 -11.80 9.15
N ALA A 40 -5.93 -13.08 9.07
CA ALA A 40 -4.67 -13.57 9.63
C ALA A 40 -3.62 -13.60 8.53
N LYS A 41 -2.55 -12.81 8.71
CA LYS A 41 -1.47 -12.72 7.75
C LYS A 41 -0.28 -13.52 8.28
N PHE A 42 0.02 -14.60 7.58
CA PHE A 42 1.14 -15.48 7.95
C PHE A 42 2.37 -15.07 7.18
N ILE A 43 3.38 -14.59 7.90
CA ILE A 43 4.62 -14.14 7.29
C ILE A 43 5.69 -15.20 7.55
N LYS A 44 6.30 -15.71 6.48
N LYS A 44 6.29 -15.73 6.48
CA LYS A 44 7.32 -16.73 6.60
CA LYS A 44 7.33 -16.76 6.61
C LYS A 44 8.59 -16.13 7.21
C LYS A 44 8.63 -16.19 7.13
N LYS A 45 9.10 -16.78 8.23
CA LYS A 45 10.35 -16.38 8.84
C LYS A 45 11.55 -16.89 8.06
N ARG A 46 12.66 -16.20 8.22
CA ARG A 46 13.93 -16.65 7.65
CA ARG A 46 13.92 -16.64 7.64
C ARG A 46 14.44 -17.83 8.48
N ARG A 47 14.94 -18.86 7.80
CA ARG A 47 15.45 -20.09 8.46
C ARG A 47 16.93 -20.01 8.85
N THR A 48 17.68 -19.09 8.24
CA THR A 48 19.11 -18.87 8.54
C THR A 48 19.45 -17.39 8.39
N LYS A 49 20.52 -16.92 9.05
CA LYS A 49 20.87 -15.49 8.99
C LYS A 49 21.20 -15.02 7.57
N SER A 50 21.94 -15.83 6.82
CA SER A 50 22.37 -15.45 5.46
C SER A 50 21.36 -15.74 4.35
N SER A 51 20.18 -16.27 4.69
CA SER A 51 19.20 -16.64 3.67
C SER A 51 18.50 -15.46 3.01
N ARG A 52 17.98 -15.71 1.81
CA ARG A 52 17.24 -14.72 1.02
C ARG A 52 15.75 -15.08 1.02
N ARG A 53 15.43 -16.26 1.53
CA ARG A 53 14.08 -16.73 1.60
C ARG A 53 13.49 -16.30 2.95
N GLY A 54 12.19 -16.00 2.96
CA GLY A 54 11.53 -15.55 4.18
C GLY A 54 11.81 -14.10 4.47
N VAL A 55 11.20 -13.61 5.54
CA VAL A 55 11.35 -12.22 5.94
C VAL A 55 12.21 -12.14 7.21
N SER A 56 13.19 -11.24 7.22
CA SER A 56 14.08 -11.09 8.38
C SER A 56 13.28 -10.68 9.60
N ARG A 57 13.76 -11.07 10.78
CA ARG A 57 13.03 -10.68 11.96
C ARG A 57 13.01 -9.16 12.13
N GLU A 58 14.09 -8.48 11.76
CA GLU A 58 14.11 -7.02 11.81
C GLU A 58 12.95 -6.43 10.97
N ASP A 59 12.73 -7.00 9.78
CA ASP A 59 11.65 -6.49 8.91
C ASP A 59 10.26 -6.81 9.46
N ILE A 60 10.11 -7.98 10.05
CA ILE A 60 8.82 -8.34 10.65
C ILE A 60 8.53 -7.42 11.86
N GLU A 61 9.52 -7.23 12.73
CA GLU A 61 9.31 -6.38 13.90
C GLU A 61 9.00 -4.94 13.50
N ARG A 62 9.60 -4.44 12.41
CA ARG A 62 9.33 -3.08 11.95
C ARG A 62 7.87 -2.96 11.55
N GLU A 63 7.38 -3.91 10.76
CA GLU A 63 5.99 -3.89 10.33
C GLU A 63 5.06 -3.90 11.54
N VAL A 64 5.30 -4.82 12.48
CA VAL A 64 4.48 -4.90 13.68
C VAL A 64 4.52 -3.59 14.46
N SER A 65 5.70 -3.03 14.74
N SER A 65 5.73 -3.03 14.49
CA SER A 65 5.69 -1.80 15.59
CA SER A 65 6.02 -1.75 15.11
C SER A 65 4.99 -0.60 14.92
C SER A 65 5.08 -0.68 14.56
N ILE A 66 5.05 -0.54 13.59
N ILE A 66 5.16 -0.47 13.26
CA ILE A 66 4.33 0.51 12.89
CA ILE A 66 4.31 0.51 12.60
C ILE A 66 2.83 0.25 12.99
C ILE A 66 2.84 0.27 12.88
N LEU A 67 2.41 -0.99 12.74
CA LEU A 67 1.00 -1.31 12.87
C LEU A 67 0.47 -1.03 14.27
N LYS A 68 1.29 -1.27 15.29
CA LYS A 68 0.86 -1.01 16.65
C LYS A 68 0.59 0.47 16.92
N GLU A 69 1.26 1.36 16.20
N GLU A 69 1.27 1.36 16.21
CA GLU A 69 1.09 2.80 16.40
CA GLU A 69 1.13 2.80 16.43
C GLU A 69 -0.21 3.34 15.85
C GLU A 69 0.00 3.48 15.66
N ILE A 70 -0.65 2.77 14.75
CA ILE A 70 -1.70 3.39 13.95
C ILE A 70 -3.14 3.04 14.29
N GLN A 71 -3.97 4.07 14.31
N GLN A 71 -3.98 4.05 14.24
CA GLN A 71 -5.41 3.89 14.48
CA GLN A 71 -5.40 3.87 14.41
C GLN A 71 -6.09 5.07 13.75
C GLN A 71 -6.10 5.05 13.75
N HIS A 72 -6.74 4.75 12.64
CA HIS A 72 -7.38 5.75 11.80
C HIS A 72 -8.37 5.03 10.90
N PRO A 73 -9.52 5.69 10.56
CA PRO A 73 -10.50 4.97 9.76
C PRO A 73 -9.98 4.44 8.41
N ASN A 74 -8.95 5.08 7.86
CA ASN A 74 -8.46 4.70 6.53
C ASN A 74 -7.19 3.86 6.54
N VAL A 75 -6.87 3.27 7.69
CA VAL A 75 -5.77 2.33 7.78
C VAL A 75 -6.23 1.10 8.57
N ILE A 76 -5.66 -0.08 8.33
N ILE A 76 -5.63 -0.02 8.16
CA ILE A 76 -6.10 -1.21 9.16
CA ILE A 76 -5.84 -1.31 8.78
C ILE A 76 -5.64 -1.16 10.64
C ILE A 76 -5.29 -1.27 10.19
N THR A 77 -6.42 -1.83 11.50
N THR A 77 -6.00 -1.93 11.10
CA THR A 77 -6.13 -1.95 12.93
CA THR A 77 -5.63 -2.02 12.52
C THR A 77 -5.56 -3.37 13.24
C THR A 77 -5.01 -3.40 12.82
N LEU A 78 -4.35 -3.44 13.81
N LEU A 78 -4.18 -3.47 13.84
CA LEU A 78 -3.72 -4.71 14.24
CA LEU A 78 -3.66 -4.76 14.27
C LEU A 78 -4.26 -5.20 15.57
C LEU A 78 -4.42 -5.15 15.53
N HIS A 79 -4.78 -6.42 15.59
CA HIS A 79 -5.43 -6.96 16.77
C HIS A 79 -4.48 -7.69 17.69
N GLU A 80 -3.69 -8.62 17.16
CA GLU A 80 -2.68 -9.30 17.97
C GLU A 80 -1.70 -10.02 17.09
N VAL A 81 -0.62 -10.51 17.70
CA VAL A 81 0.44 -11.18 16.96
C VAL A 81 0.86 -12.48 17.61
N TYR A 82 0.90 -13.54 16.82
CA TYR A 82 1.37 -14.86 17.26
C TYR A 82 2.63 -15.21 16.49
N GLU A 83 3.35 -16.22 16.98
CA GLU A 83 4.48 -16.72 16.20
C GLU A 83 4.76 -18.15 16.57
N ASN A 84 5.42 -18.83 15.64
CA ASN A 84 5.93 -20.17 15.85
C ASN A 84 7.25 -20.29 15.11
N LYS A 85 7.81 -21.49 15.01
CA LYS A 85 9.11 -21.64 14.41
C LYS A 85 9.17 -21.17 12.94
N THR A 86 8.05 -21.28 12.23
CA THR A 86 8.06 -20.98 10.81
C THR A 86 7.45 -19.65 10.38
N ASP A 87 6.53 -19.11 11.18
N ASP A 87 6.51 -19.12 11.18
CA ASP A 87 5.81 -17.92 10.80
CA ASP A 87 5.79 -17.91 10.81
C ASP A 87 5.55 -16.94 11.92
C ASP A 87 5.60 -16.92 11.93
N VAL A 88 5.35 -15.67 11.55
CA VAL A 88 4.79 -14.68 12.47
C VAL A 88 3.39 -14.49 11.89
N ILE A 89 2.38 -14.50 12.75
CA ILE A 89 0.98 -14.43 12.33
C ILE A 89 0.36 -13.16 12.88
N LEU A 90 0.06 -12.22 11.98
N LEU A 90 0.06 -12.24 11.98
CA LEU A 90 -0.55 -10.95 12.37
CA LEU A 90 -0.57 -11.00 12.35
C LEU A 90 -2.06 -11.01 12.21
C LEU A 90 -2.07 -11.21 12.26
N ILE A 91 -2.78 -10.88 13.32
CA ILE A 91 -4.23 -10.89 13.30
C ILE A 91 -4.66 -9.46 13.06
N LEU A 92 -5.15 -9.20 11.84
CA LEU A 92 -5.45 -7.84 11.40
C LEU A 92 -6.93 -7.63 11.18
N GLU A 93 -7.34 -6.36 11.20
CA GLU A 93 -8.72 -6.02 10.87
C GLU A 93 -9.10 -6.61 9.52
N LEU A 94 -10.28 -7.22 9.46
CA LEU A 94 -10.83 -7.76 8.19
C LEU A 94 -11.44 -6.64 7.38
N VAL A 95 -11.03 -6.53 6.12
CA VAL A 95 -11.63 -5.54 5.21
C VAL A 95 -12.28 -6.40 4.11
N ALA A 96 -13.59 -6.59 4.21
CA ALA A 96 -14.28 -7.63 3.46
C ALA A 96 -14.64 -7.38 2.02
N GLY A 97 -14.53 -6.14 1.57
CA GLY A 97 -14.94 -5.76 0.21
C GLY A 97 -13.92 -5.98 -0.90
N GLY A 98 -12.76 -6.51 -0.55
CA GLY A 98 -11.75 -6.83 -1.54
C GLY A 98 -10.85 -5.66 -1.88
N GLU A 99 -9.89 -5.95 -2.75
CA GLU A 99 -8.93 -4.94 -3.20
C GLU A 99 -9.52 -3.98 -4.17
N LEU A 100 -9.07 -2.73 -4.09
CA LEU A 100 -9.44 -1.72 -5.06
C LEU A 100 -9.04 -2.20 -6.46
N PHE A 101 -7.91 -2.91 -6.56
CA PHE A 101 -7.47 -3.47 -7.84
C PHE A 101 -8.59 -4.29 -8.53
N ASP A 102 -9.20 -5.19 -7.77
CA ASP A 102 -10.28 -6.02 -8.32
C ASP A 102 -11.55 -5.23 -8.62
N PHE A 103 -11.87 -4.24 -7.79
CA PHE A 103 -13.04 -3.38 -8.01
C PHE A 103 -12.89 -2.65 -9.34
N LEU A 104 -11.72 -2.09 -9.58
CA LEU A 104 -11.44 -1.37 -10.81
C LEU A 104 -11.48 -2.28 -12.02
N ALA A 105 -11.03 -3.50 -11.87
CA ALA A 105 -11.02 -4.46 -12.98
C ALA A 105 -12.42 -4.88 -13.36
N GLU A 106 -13.26 -5.09 -12.35
CA GLU A 106 -14.62 -5.61 -12.54
C GLU A 106 -15.60 -4.54 -13.00
N LYS A 107 -15.36 -3.31 -12.58
CA LYS A 107 -16.25 -2.18 -12.88
C LYS A 107 -15.85 -1.45 -14.15
N GLU A 108 -14.57 -1.06 -14.21
N GLU A 108 -14.58 -1.07 -14.24
CA GLU A 108 -13.98 -0.34 -15.34
CA GLU A 108 -14.03 -0.36 -15.41
C GLU A 108 -14.52 1.08 -15.55
C GLU A 108 -14.81 0.91 -15.80
N SER A 109 -13.59 2.04 -15.57
N SER A 109 -14.10 2.04 -15.86
CA SER A 109 -13.94 3.44 -15.78
CA SER A 109 -14.69 3.29 -16.25
C SER A 109 -14.63 4.09 -14.59
C SER A 109 -15.26 4.09 -15.08
N LEU A 110 -13.86 4.83 -13.79
N LEU A 110 -14.39 4.57 -14.20
CA LEU A 110 -14.44 5.59 -12.69
CA LEU A 110 -14.85 5.44 -13.11
C LEU A 110 -14.66 7.02 -13.16
C LEU A 110 -15.08 6.84 -13.62
N THR A 111 -15.84 7.55 -12.90
N THR A 111 -15.98 7.56 -12.96
CA THR A 111 -16.12 8.94 -13.21
CA THR A 111 -16.19 8.96 -13.22
C THR A 111 -15.12 9.73 -12.41
C THR A 111 -15.15 9.72 -12.42
N GLU A 112 -15.00 11.01 -12.72
CA GLU A 112 -14.07 11.83 -11.99
C GLU A 112 -14.43 11.96 -10.47
N GLU A 113 -15.73 12.03 -10.17
N GLU A 113 -15.72 12.04 -10.15
CA GLU A 113 -16.22 12.08 -8.77
CA GLU A 113 -16.14 12.08 -8.77
C GLU A 113 -15.94 10.77 -8.04
C GLU A 113 -15.91 10.77 -8.04
N GLU A 114 -16.14 9.64 -8.72
CA GLU A 114 -15.86 8.33 -8.10
C GLU A 114 -14.37 8.23 -7.79
N ALA A 115 -13.55 8.71 -8.72
CA ALA A 115 -12.10 8.70 -8.49
C ALA A 115 -11.73 9.57 -7.29
N THR A 116 -12.32 10.77 -7.25
N THR A 116 -12.27 10.80 -7.21
CA THR A 116 -12.05 11.73 -6.18
CA THR A 116 -11.92 11.65 -6.08
C THR A 116 -12.56 11.23 -4.81
C THR A 116 -12.47 11.09 -4.76
N GLU A 117 -13.62 10.44 -4.81
CA GLU A 117 -14.14 9.87 -3.58
C GLU A 117 -13.17 8.85 -2.98
N PHE A 118 -12.57 8.03 -3.85
CA PHE A 118 -11.55 7.08 -3.39
C PHE A 118 -10.31 7.85 -2.97
N LEU A 119 -9.88 8.75 -3.84
CA LEU A 119 -8.64 9.47 -3.60
C LEU A 119 -8.67 10.24 -2.32
N LYS A 120 -9.76 10.93 -2.00
CA LYS A 120 -9.82 11.72 -0.77
C LYS A 120 -9.58 10.87 0.49
N GLN A 121 -10.09 9.64 0.48
CA GLN A 121 -9.87 8.71 1.60
C GLN A 121 -8.41 8.26 1.67
N ILE A 122 -7.82 7.97 0.52
CA ILE A 122 -6.42 7.59 0.49
C ILE A 122 -5.58 8.75 1.03
N LEU A 123 -5.87 9.97 0.54
CA LEU A 123 -5.16 11.15 1.03
C LEU A 123 -5.33 11.33 2.53
N ASN A 124 -6.51 11.11 3.07
CA ASN A 124 -6.72 11.24 4.51
C ASN A 124 -5.87 10.22 5.30
N GLY A 125 -5.81 9.00 4.80
CA GLY A 125 -5.02 7.97 5.43
C GLY A 125 -3.52 8.29 5.37
N VAL A 126 -3.07 8.74 4.19
CA VAL A 126 -1.66 9.08 4.05
C VAL A 126 -1.32 10.34 4.85
N TYR A 127 -2.26 11.29 4.96
CA TYR A 127 -2.02 12.46 5.80
C TYR A 127 -1.75 12.01 7.26
N TYR A 128 -2.56 11.11 7.78
CA TYR A 128 -2.35 10.53 9.10
C TYR A 128 -0.96 9.88 9.20
N LEU A 129 -0.62 9.02 8.24
CA LEU A 129 0.65 8.30 8.29
C LEU A 129 1.82 9.28 8.25
N HIS A 130 1.77 10.22 7.30
CA HIS A 130 2.86 11.18 7.15
C HIS A 130 2.97 12.09 8.34
N SER A 131 1.86 12.38 8.98
CA SER A 131 1.90 13.17 10.21
C SER A 131 2.68 12.45 11.30
N LEU A 132 2.64 11.13 11.28
CA LEU A 132 3.40 10.28 12.15
C LEU A 132 4.82 9.97 11.65
N GLN A 133 5.20 10.61 10.54
CA GLN A 133 6.48 10.32 9.87
C GLN A 133 6.62 8.89 9.41
N ILE A 134 5.52 8.29 9.02
CA ILE A 134 5.53 6.95 8.48
C ILE A 134 5.37 7.02 6.96
N ALA A 135 6.37 6.49 6.24
CA ALA A 135 6.28 6.29 4.80
C ALA A 135 5.78 4.89 4.56
N HIS A 136 4.80 4.74 3.71
CA HIS A 136 4.23 3.42 3.41
C HIS A 136 5.12 2.62 2.44
N PHE A 137 5.54 3.28 1.37
CA PHE A 137 6.45 2.79 0.36
C PHE A 137 5.89 1.66 -0.51
N ASP A 138 4.62 1.33 -0.40
CA ASP A 138 4.02 0.28 -1.28
C ASP A 138 2.58 0.63 -1.61
N LEU A 139 2.29 1.92 -1.83
CA LEU A 139 0.92 2.29 -2.18
C LEU A 139 0.61 1.91 -3.62
N LYS A 140 -0.51 1.23 -3.83
CA LYS A 140 -0.97 0.75 -5.14
C LYS A 140 -2.37 0.21 -4.94
N PRO A 141 -3.17 0.05 -6.00
CA PRO A 141 -4.55 -0.45 -5.83
C PRO A 141 -4.69 -1.80 -5.11
N GLU A 142 -3.72 -2.70 -5.26
N GLU A 142 -3.72 -2.68 -5.26
CA GLU A 142 -3.79 -3.98 -4.56
CA GLU A 142 -3.78 -3.95 -4.55
C GLU A 142 -3.63 -3.85 -3.03
C GLU A 142 -3.76 -3.78 -3.03
N ASN A 143 -3.10 -2.71 -2.57
CA ASN A 143 -2.93 -2.44 -1.13
C ASN A 143 -3.94 -1.46 -0.57
N ILE A 144 -5.07 -1.35 -1.21
N ILE A 144 -5.02 -1.21 -1.31
CA ILE A 144 -6.16 -0.58 -0.68
CA ILE A 144 -6.16 -0.35 -0.91
C ILE A 144 -7.34 -1.52 -0.75
C ILE A 144 -7.43 -1.22 -0.92
N MET A 145 -8.08 -1.63 0.34
N MET A 145 -7.97 -1.54 0.27
CA MET A 145 -9.23 -2.50 0.38
CA MET A 145 -9.14 -2.43 0.39
C MET A 145 -10.47 -1.76 0.77
C MET A 145 -10.44 -1.65 0.63
N LEU A 146 -11.57 -2.23 0.20
CA LEU A 146 -12.90 -1.65 0.41
C LEU A 146 -13.58 -2.37 1.55
N LEU A 147 -14.27 -1.61 2.40
CA LEU A 147 -15.04 -2.22 3.49
C LEU A 147 -16.27 -2.97 2.96
N ASP A 148 -16.94 -2.37 1.97
CA ASP A 148 -18.15 -2.94 1.36
C ASP A 148 -18.14 -2.43 -0.08
N ARG A 149 -18.05 -3.35 -1.04
CA ARG A 149 -17.96 -2.94 -2.44
C ARG A 149 -19.31 -2.70 -3.09
N ASN A 150 -20.40 -2.95 -2.35
CA ASN A 150 -21.76 -2.80 -2.92
C ASN A 150 -22.50 -1.52 -2.51
N VAL A 151 -21.78 -0.45 -2.22
CA VAL A 151 -22.39 0.85 -1.93
C VAL A 151 -21.90 1.81 -3.00
N PRO A 152 -22.63 2.90 -3.25
CA PRO A 152 -22.20 3.79 -4.33
C PRO A 152 -20.81 4.43 -4.13
N LYS A 153 -20.45 4.72 -2.88
CA LYS A 153 -19.15 5.35 -2.56
C LYS A 153 -18.39 4.49 -1.55
N PRO A 154 -17.71 3.43 -2.04
CA PRO A 154 -17.08 2.54 -1.05
C PRO A 154 -16.03 3.19 -0.15
N ARG A 155 -16.05 2.80 1.12
CA ARG A 155 -15.03 3.24 2.09
C ARG A 155 -13.83 2.33 1.98
N ILE A 156 -12.65 2.93 2.18
CA ILE A 156 -11.41 2.15 2.02
C ILE A 156 -10.46 2.24 3.20
N LYS A 157 -9.56 1.25 3.23
CA LYS A 157 -8.45 1.19 4.17
C LYS A 157 -7.19 0.83 3.43
N ILE A 158 -6.11 1.48 3.80
CA ILE A 158 -4.76 1.15 3.33
C ILE A 158 -4.28 -0.07 4.12
N ILE A 159 -3.73 -1.05 3.39
CA ILE A 159 -3.19 -2.26 3.98
C ILE A 159 -1.71 -2.43 3.59
N ASP A 160 -1.12 -3.51 4.09
CA ASP A 160 0.21 -3.98 3.71
C ASP A 160 1.33 -3.02 4.05
N PHE A 161 1.69 -3.03 5.32
CA PHE A 161 2.74 -2.20 5.85
C PHE A 161 4.09 -2.92 5.85
N GLY A 162 4.27 -3.92 5.00
CA GLY A 162 5.51 -4.66 4.89
C GLY A 162 6.74 -3.89 4.46
N LEU A 163 6.57 -2.76 3.79
CA LEU A 163 7.73 -1.93 3.42
C LEU A 163 7.77 -0.60 4.16
N ALA A 164 6.81 -0.38 5.04
CA ALA A 164 6.69 0.89 5.73
C ALA A 164 7.87 1.17 6.66
N HIS A 165 8.26 2.44 6.75
CA HIS A 165 9.37 2.84 7.61
C HIS A 165 9.06 4.15 8.27
N LYS A 166 9.56 4.31 9.49
CA LYS A 166 9.54 5.59 10.16
C LYS A 166 10.67 6.44 9.54
N ILE A 167 10.38 7.67 9.25
CA ILE A 167 11.33 8.60 8.62
C ILE A 167 11.62 9.69 9.64
N ASP A 168 12.51 9.43 10.59
N ASP A 168 12.49 9.40 10.60
CA ASP A 168 12.78 10.42 11.64
CA ASP A 168 12.81 10.38 11.67
C ASP A 168 13.91 11.37 11.29
C ASP A 168 13.92 11.35 11.29
N PHE A 169 14.63 11.08 10.19
CA PHE A 169 15.71 11.95 9.74
C PHE A 169 15.38 12.53 8.37
N GLY A 170 14.12 12.57 7.98
CA GLY A 170 13.78 13.13 6.68
C GLY A 170 13.92 12.16 5.51
N ASN A 171 14.87 11.20 5.62
CA ASN A 171 15.00 10.17 4.60
C ASN A 171 15.61 8.93 5.20
N GLU A 172 15.42 7.81 4.52
N GLU A 172 15.41 7.80 4.53
CA GLU A 172 15.99 6.53 4.90
CA GLU A 172 16.01 6.52 4.93
C GLU A 172 16.76 5.95 3.72
C GLU A 172 16.77 5.96 3.72
N PHE A 173 17.84 5.24 4.02
CA PHE A 173 18.65 4.62 2.98
C PHE A 173 18.80 3.14 3.33
N LYS A 174 17.84 2.35 2.85
N LYS A 174 17.85 2.35 2.86
CA LYS A 174 17.79 0.91 3.13
CA LYS A 174 17.82 0.92 3.13
C LYS A 174 17.46 0.14 1.86
C LYS A 174 17.36 0.15 1.89
N ASN A 175 17.29 -1.18 2.01
CA ASN A 175 16.85 -2.03 0.90
C ASN A 175 15.33 -1.89 0.85
N ILE A 176 14.86 -0.94 0.05
CA ILE A 176 13.44 -0.60 -0.08
C ILE A 176 13.13 -0.47 -1.56
N PHE A 177 12.27 -1.35 -2.06
CA PHE A 177 11.92 -1.30 -3.47
C PHE A 177 10.54 -1.98 -3.65
N GLY A 178 9.54 -1.22 -4.07
CA GLY A 178 8.21 -1.77 -4.31
C GLY A 178 7.99 -2.29 -5.73
N THR A 179 6.74 -2.19 -6.16
CA THR A 179 6.28 -2.68 -7.47
C THR A 179 6.65 -1.64 -8.54
N PRO A 180 7.37 -2.06 -9.61
CA PRO A 180 7.87 -1.12 -10.62
C PRO A 180 6.91 -0.06 -11.10
N GLU A 181 5.69 -0.43 -11.42
N GLU A 181 5.69 -0.49 -11.36
CA GLU A 181 4.71 0.55 -11.92
CA GLU A 181 4.62 0.36 -11.86
C GLU A 181 4.43 1.71 -10.98
C GLU A 181 4.29 1.58 -10.97
N PHE A 182 4.65 1.50 -9.69
CA PHE A 182 4.26 2.50 -8.68
C PHE A 182 5.38 3.18 -7.95
N VAL A 183 6.61 2.74 -8.12
CA VAL A 183 7.71 3.30 -7.39
C VAL A 183 8.16 4.63 -7.98
N ALA A 184 8.66 5.50 -7.11
CA ALA A 184 9.19 6.79 -7.50
C ALA A 184 10.57 6.68 -8.11
N PRO A 185 11.01 7.70 -8.86
CA PRO A 185 12.34 7.66 -9.43
C PRO A 185 13.44 7.46 -8.40
N GLU A 186 13.30 8.02 -7.22
CA GLU A 186 14.35 7.86 -6.22
C GLU A 186 14.49 6.42 -5.77
N ILE A 187 13.40 5.65 -5.81
CA ILE A 187 13.47 4.21 -5.52
C ILE A 187 14.24 3.49 -6.66
N VAL A 188 13.87 3.83 -7.90
CA VAL A 188 14.51 3.21 -9.07
C VAL A 188 16.01 3.47 -9.09
N ASN A 189 16.39 4.68 -8.66
CA ASN A 189 17.78 5.13 -8.66
C ASN A 189 18.56 4.85 -7.37
N TYR A 190 17.92 4.14 -6.44
CA TYR A 190 18.57 3.75 -5.17
C TYR A 190 19.08 4.96 -4.39
N GLU A 191 18.27 5.99 -4.32
N GLU A 191 18.28 6.02 -4.36
CA GLU A 191 18.61 7.20 -3.61
CA GLU A 191 18.61 7.22 -3.62
C GLU A 191 17.86 7.25 -2.29
C GLU A 191 17.93 7.17 -2.24
N PRO A 192 18.28 8.11 -1.35
CA PRO A 192 17.57 8.16 -0.07
C PRO A 192 16.08 8.45 -0.31
N LEU A 193 15.25 7.89 0.57
CA LEU A 193 13.82 7.93 0.38
C LEU A 193 13.15 8.56 1.56
N GLY A 194 12.07 9.27 1.27
CA GLY A 194 11.29 9.89 2.33
C GLY A 194 9.82 9.80 2.02
N LEU A 195 9.04 10.66 2.68
CA LEU A 195 7.59 10.69 2.50
C LEU A 195 7.20 11.02 1.08
N GLU A 196 8.09 11.67 0.32
N GLU A 196 8.09 11.67 0.34
CA GLU A 196 7.77 12.12 -1.03
CA GLU A 196 7.80 12.12 -1.00
C GLU A 196 7.51 10.95 -1.98
C GLU A 196 7.50 10.96 -1.96
N ALA A 197 8.13 9.81 -1.73
CA ALA A 197 7.92 8.65 -2.58
C ALA A 197 6.46 8.25 -2.62
N ASP A 198 5.79 8.32 -1.47
CA ASP A 198 4.36 7.98 -1.42
C ASP A 198 3.53 8.93 -2.28
N MET A 199 3.92 10.21 -2.34
CA MET A 199 3.17 11.17 -3.12
C MET A 199 3.25 10.87 -4.62
N TRP A 200 4.40 10.40 -5.07
CA TRP A 200 4.53 9.95 -6.45
C TRP A 200 3.57 8.79 -6.70
N SER A 201 3.55 7.81 -5.77
CA SER A 201 2.68 6.66 -5.96
C SER A 201 1.22 7.08 -6.03
N ILE A 202 0.82 8.08 -5.25
CA ILE A 202 -0.54 8.62 -5.30
C ILE A 202 -0.82 9.20 -6.68
N GLY A 203 0.15 9.85 -7.28
CA GLY A 203 -0.01 10.34 -8.65
C GLY A 203 -0.29 9.23 -9.64
N VAL A 204 0.44 8.12 -9.52
CA VAL A 204 0.23 6.95 -10.38
C VAL A 204 -1.17 6.38 -10.14
N ILE A 205 -1.54 6.19 -8.88
CA ILE A 205 -2.89 5.70 -8.56
C ILE A 205 -3.97 6.59 -9.16
N THR A 206 -3.80 7.90 -9.04
CA THR A 206 -4.80 8.85 -9.57
C THR A 206 -4.96 8.71 -11.08
N TYR A 207 -3.82 8.60 -11.76
CA TYR A 207 -3.81 8.41 -13.20
C TYR A 207 -4.62 7.15 -13.57
N ILE A 208 -4.37 6.03 -12.85
CA ILE A 208 -5.06 4.78 -13.08
C ILE A 208 -6.55 4.90 -12.76
N LEU A 209 -6.91 5.55 -11.65
CA LEU A 209 -8.32 5.70 -11.28
C LEU A 209 -9.10 6.41 -12.37
N LEU A 210 -8.49 7.43 -12.97
CA LEU A 210 -9.20 8.24 -13.95
C LEU A 210 -9.26 7.64 -15.33
N SER A 211 -8.30 6.78 -15.69
CA SER A 211 -8.16 6.31 -17.07
C SER A 211 -8.25 4.83 -17.28
N GLY A 212 -8.00 4.04 -16.24
CA GLY A 212 -7.88 2.60 -16.42
C GLY A 212 -6.57 2.13 -17.03
N ALA A 213 -5.61 3.04 -17.19
CA ALA A 213 -4.31 2.72 -17.76
C ALA A 213 -3.19 3.12 -16.80
N SER A 214 -2.06 2.42 -16.90
CA SER A 214 -0.90 2.63 -16.02
C SER A 214 0.10 3.54 -16.77
N PRO A 215 0.54 4.65 -16.15
CA PRO A 215 1.28 5.68 -16.89
C PRO A 215 2.68 5.29 -17.36
N PHE A 216 3.36 4.42 -16.64
CA PHE A 216 4.75 4.08 -16.94
C PHE A 216 4.95 2.64 -17.36
N LEU A 217 3.89 1.84 -17.44
CA LEU A 217 4.04 0.41 -17.68
C LEU A 217 4.64 0.10 -19.02
N GLY A 218 5.71 -0.66 -19.00
CA GLY A 218 6.32 -1.16 -20.21
C GLY A 218 6.03 -2.65 -20.34
N ASP A 219 6.68 -3.28 -21.30
CA ASP A 219 6.46 -4.74 -21.50
C ASP A 219 7.30 -5.61 -20.58
N THR A 220 8.29 -5.02 -19.91
CA THR A 220 9.16 -5.72 -18.98
C THR A 220 9.37 -4.82 -17.78
N LYS A 221 9.79 -5.38 -16.66
CA LYS A 221 10.06 -4.59 -15.48
C LYS A 221 11.14 -3.52 -15.75
N GLN A 222 12.19 -3.88 -16.49
CA GLN A 222 13.25 -2.90 -16.79
C GLN A 222 12.73 -1.71 -17.59
N GLU A 223 11.83 -1.95 -18.52
N GLU A 223 11.82 -1.97 -18.54
CA GLU A 223 11.28 -0.85 -19.28
CA GLU A 223 11.21 -0.87 -19.31
C GLU A 223 10.38 0.03 -18.40
C GLU A 223 10.45 0.03 -18.35
N THR A 224 9.59 -0.57 -17.51
CA THR A 224 8.80 0.24 -16.59
C THR A 224 9.69 1.12 -15.72
N LEU A 225 10.73 0.51 -15.16
CA LEU A 225 11.63 1.27 -14.30
C LEU A 225 12.34 2.40 -15.06
N ALA A 226 12.74 2.11 -16.30
CA ALA A 226 13.38 3.15 -17.13
C ALA A 226 12.44 4.27 -17.41
N ASN A 227 11.17 3.94 -17.67
CA ASN A 227 10.15 4.95 -17.91
C ASN A 227 9.92 5.84 -16.69
N VAL A 228 9.83 5.21 -15.53
CA VAL A 228 9.67 5.95 -14.28
C VAL A 228 10.82 6.93 -14.10
N SER A 229 12.06 6.46 -14.24
CA SER A 229 13.20 7.32 -13.96
C SER A 229 13.26 8.52 -14.92
N ALA A 230 12.83 8.31 -16.15
CA ALA A 230 12.82 9.36 -17.18
C ALA A 230 11.57 10.21 -17.13
N VAL A 231 10.63 9.88 -16.25
CA VAL A 231 9.30 10.52 -16.21
C VAL A 231 8.66 10.49 -17.60
N ASN A 232 8.70 9.31 -18.18
CA ASN A 232 8.18 9.06 -19.53
C ASN A 232 6.72 8.63 -19.43
N TYR A 233 5.83 9.61 -19.26
CA TYR A 233 4.40 9.36 -19.31
C TYR A 233 3.72 10.53 -19.99
N GLU A 234 2.53 10.29 -20.47
CA GLU A 234 1.71 11.36 -21.04
C GLU A 234 0.23 11.04 -20.83
N PHE A 235 -0.60 12.06 -20.94
CA PHE A 235 -2.05 11.86 -20.87
C PHE A 235 -2.63 11.52 -22.23
N GLU A 236 -2.95 10.26 -22.49
CA GLU A 236 -3.50 9.87 -23.78
C GLU A 236 -4.89 10.41 -24.00
N ASP A 237 -5.11 11.13 -25.09
CA ASP A 237 -6.43 11.72 -25.33
C ASP A 237 -7.54 10.68 -25.35
N GLU A 238 -7.27 9.48 -25.86
CA GLU A 238 -8.32 8.46 -25.92
C GLU A 238 -8.86 8.14 -24.52
N TYR A 239 -8.00 8.27 -23.51
CA TYR A 239 -8.40 7.94 -22.14
C TYR A 239 -8.71 9.14 -21.28
N PHE A 240 -8.23 10.33 -21.66
CA PHE A 240 -8.35 11.51 -20.83
C PHE A 240 -9.15 12.63 -21.46
N SER A 241 -9.76 12.41 -22.62
CA SER A 241 -10.52 13.48 -23.29
C SER A 241 -11.65 14.10 -22.51
N ASN A 242 -12.28 13.35 -21.61
CA ASN A 242 -13.35 13.95 -20.79
C ASN A 242 -12.93 14.19 -19.34
N THR A 243 -11.63 14.14 -19.08
CA THR A 243 -11.05 14.41 -17.76
C THR A 243 -10.70 15.89 -17.66
N SER A 244 -11.01 16.52 -16.53
CA SER A 244 -10.78 17.95 -16.38
C SER A 244 -9.29 18.31 -16.38
N ALA A 245 -9.01 19.52 -16.82
CA ALA A 245 -7.63 20.02 -16.79
C ALA A 245 -7.10 20.09 -15.37
N LEU A 246 -7.96 20.37 -14.39
CA LEU A 246 -7.51 20.46 -13.00
C LEU A 246 -7.07 19.09 -12.46
N ALA A 247 -7.73 18.00 -12.90
CA ALA A 247 -7.33 16.64 -12.50
C ALA A 247 -5.94 16.35 -13.05
N LYS A 248 -5.71 16.74 -14.31
CA LYS A 248 -4.40 16.55 -14.94
C LYS A 248 -3.34 17.37 -14.19
N ASP A 249 -3.69 18.59 -13.78
CA ASP A 249 -2.77 19.44 -13.02
C ASP A 249 -2.34 18.75 -11.74
N PHE A 250 -3.29 18.18 -11.01
CA PHE A 250 -3.02 17.44 -9.78
C PHE A 250 -1.98 16.36 -10.03
N ILE A 251 -2.23 15.53 -11.05
CA ILE A 251 -1.29 14.45 -11.36
C ILE A 251 0.06 14.99 -11.72
N ARG A 252 0.08 16.04 -12.54
CA ARG A 252 1.35 16.58 -13.01
C ARG A 252 2.20 17.06 -11.87
N ARG A 253 1.60 17.55 -10.79
CA ARG A 253 2.37 18.07 -9.67
C ARG A 253 2.83 17.00 -8.69
N LEU A 254 2.41 15.77 -8.95
CA LEU A 254 2.84 14.61 -8.13
C LEU A 254 3.90 13.80 -8.90
N LEU A 255 3.78 13.71 -10.22
CA LEU A 255 4.72 12.92 -11.05
C LEU A 255 5.89 13.79 -11.49
N VAL A 256 6.65 14.22 -10.49
CA VAL A 256 7.78 15.16 -10.59
C VAL A 256 9.01 14.41 -10.10
N LYS A 257 10.06 14.38 -10.89
CA LYS A 257 11.26 13.62 -10.52
CA LYS A 257 11.28 13.63 -10.56
C LYS A 257 11.95 14.10 -9.26
N ASP A 258 12.14 15.41 -9.13
CA ASP A 258 12.80 15.98 -7.97
C ASP A 258 11.83 15.89 -6.78
N PRO A 259 12.16 15.09 -5.77
CA PRO A 259 11.22 14.95 -4.65
C PRO A 259 10.95 16.25 -3.95
N LYS A 260 11.88 17.20 -3.94
CA LYS A 260 11.67 18.47 -3.24
C LYS A 260 10.64 19.34 -3.93
N LYS A 261 10.39 19.09 -5.22
CA LYS A 261 9.44 19.91 -6.00
C LYS A 261 8.06 19.27 -6.10
N ARG A 262 7.93 18.04 -5.64
CA ARG A 262 6.70 17.33 -5.71
C ARG A 262 5.72 17.82 -4.65
N MET A 263 4.42 17.78 -4.91
CA MET A 263 3.46 18.12 -3.85
C MET A 263 3.59 17.21 -2.63
N THR A 264 3.52 17.80 -1.45
CA THR A 264 3.43 17.07 -0.20
C THR A 264 1.98 16.64 0.02
N ILE A 265 1.77 15.81 1.04
CA ILE A 265 0.38 15.42 1.36
C ILE A 265 -0.47 16.64 1.69
N GLN A 266 0.07 17.59 2.44
CA GLN A 266 -0.71 18.80 2.74
C GLN A 266 -0.99 19.61 1.50
N ASP A 267 -0.04 19.70 0.59
CA ASP A 267 -0.29 20.40 -0.68
C ASP A 267 -1.43 19.72 -1.43
N SER A 268 -1.44 18.38 -1.43
N SER A 268 -1.44 18.39 -1.43
CA SER A 268 -2.44 17.65 -2.20
CA SER A 268 -2.44 17.66 -2.18
C SER A 268 -3.84 17.92 -1.67
C SER A 268 -3.84 17.92 -1.67
N LEU A 269 -3.97 18.08 -0.36
CA LEU A 269 -5.27 18.35 0.26
C LEU A 269 -5.77 19.77 0.01
N GLN A 270 -4.84 20.70 -0.24
CA GLN A 270 -5.20 22.08 -0.53
C GLN A 270 -5.31 22.37 -2.03
N HIS A 271 -4.93 21.40 -2.87
CA HIS A 271 -5.01 21.57 -4.31
C HIS A 271 -6.45 21.82 -4.72
N PRO A 272 -6.69 22.75 -5.66
CA PRO A 272 -8.08 23.06 -6.01
C PRO A 272 -8.94 21.92 -6.50
N TRP A 273 -8.33 20.85 -6.99
CA TRP A 273 -9.13 19.69 -7.43
C TRP A 273 -9.73 18.94 -6.23
N ILE A 274 -9.07 19.04 -5.10
CA ILE A 274 -9.44 18.32 -3.86
C ILE A 274 -10.09 19.20 -2.81
N LYS A 275 -9.57 20.41 -2.59
CA LYS A 275 -10.03 21.27 -1.50
C LYS A 275 -11.53 21.57 -1.65
N PRO A 276 -12.30 21.42 -0.54
CA PRO A 276 -13.73 21.77 -0.59
C PRO A 276 -13.97 23.27 -0.82
N PRO A 290 13.76 -8.78 -6.04
CA PRO A 290 12.31 -8.50 -6.09
C PRO A 290 11.93 -7.70 -7.35
N GLN A 291 12.61 -6.58 -7.58
CA GLN A 291 12.38 -5.72 -8.75
C GLN A 291 13.05 -6.22 -10.04
N PHE A 292 13.45 -7.49 -10.04
CA PHE A 292 14.18 -8.07 -11.15
C PHE A 292 13.38 -9.14 -11.91
N GLU A 293 13.71 -9.31 -13.20
CA GLU A 293 13.12 -10.35 -14.06
C GLU A 293 14.05 -11.56 -13.95
N LYS A 294 13.50 -12.76 -13.83
CA LYS A 294 14.34 -13.96 -13.72
C LYS A 294 14.39 -14.71 -15.06
#